data_9LRF
#
_entry.id   9LRF
#
_cell.length_a   170.109
_cell.length_b   79.244
_cell.length_c   64.364
_cell.angle_alpha   90.00
_cell.angle_beta   92.39
_cell.angle_gamma   90.00
#
_symmetry.space_group_name_H-M   'C 1 2 1'
#
loop_
_entity.id
_entity.type
_entity.pdbx_description
1 polymer 'Killer cell immunoglobulin-like receptor 2DL2'
2 polymer 'KIR2DL2_KIR2DL2/3 agonist 61 FAB FRAGMENT HEAVY CHAIN'
3 polymer 'KIR2DL2_KIR2DL2/3 agonist 61 FAB FRAGMENT LIGHT CHAIN'
4 non-polymer 2-acetamido-2-deoxy-beta-D-glucopyranose
5 water water
#
loop_
_entity_poly.entity_id
_entity_poly.type
_entity_poly.pdbx_seq_one_letter_code
_entity_poly.pdbx_strand_id
1 'polypeptide(L)'
;HEGVHRKPSLLAHPGRLVKSEETVILQCWSDVRFEHFLLHREGKFKDTLHLIGEHHDGVSKANFSIGPMMQDLAGTYRCY
GSVTHSPYQLSAPSDPLDIVITGLYEKPSLSAQPGPTVLAGESVTLSCSSRSSYDMYHLSREGEAHECRFSAGPKVNGTF
QADFPLGPATHGGTYRCFGSFRDSPYEWSNSSDPLLVSVIGNPSHHHHHH
;
K
2 'polypeptide(L)'
;QVQLVQSGAEVKKPGSSVKVSCKASGGTFSSFAISWVRQAPGQGLEWMGGIIPIFGTANYAQKFQGRVTITADESTSTAY
MELSSLRSEDTAVYYCARVSGTTGGYYYGMDVWGQGTLVTVSSASTKGPSVFPLAPSSKSTSGGTAALGCLVKDYFPEPV
TVSWNSGALTSGVHTFPAVLQSSGLYSLSSVVTVPSSSLGTQTYICNVNHKPSNTKVDKKVEPKSCDKTH
;
H
3 'polypeptide(L)'
;AIRMTQSPSSVSASVGDRVTITCRASQGIGNWLAWYQQKPGRAPKLLISTASSLQSGVPSRFSGGGSGRGFTLTISSLQL
EDFATYYCQQSYITPWTFGQGTKVEIKVAAPSVFIFPPSDEQLKSGTASVVCLLNNFYPREAKVQWKVDNALQSGNSQES
VTEQDSKDSTYSLSSTLTLSKADYEKHKVYACEVTHQGLSSPVTKSFNRGEC
;
L
#
# COMPACT_ATOMS: atom_id res chain seq x y z
N VAL A 4 42.01 -1.24 -0.75
CA VAL A 4 42.91 -0.78 -1.80
C VAL A 4 42.63 0.69 -2.11
N HIS A 5 43.53 1.56 -1.66
CA HIS A 5 43.33 3.01 -1.78
C HIS A 5 43.84 3.51 -3.14
N ARG A 6 43.32 2.91 -4.20
CA ARG A 6 43.53 3.36 -5.57
C ARG A 6 42.18 3.82 -6.10
N LYS A 7 42.05 5.12 -6.33
CA LYS A 7 40.73 5.66 -6.64
C LYS A 7 40.50 5.71 -8.15
N PRO A 8 39.29 5.40 -8.61
CA PRO A 8 38.93 5.64 -10.01
C PRO A 8 38.64 7.11 -10.25
N SER A 9 38.54 7.45 -11.53
CA SER A 9 38.21 8.80 -11.96
C SER A 9 36.81 8.80 -12.57
N LEU A 10 36.06 9.87 -12.31
CA LEU A 10 34.69 10.00 -12.78
C LEU A 10 34.55 11.24 -13.65
N LEU A 11 34.11 11.04 -14.89
CA LEU A 11 33.89 12.11 -15.84
C LEU A 11 32.41 12.17 -16.19
N ALA A 12 32.01 13.25 -16.86
CA ALA A 12 30.62 13.47 -17.23
C ALA A 12 30.58 14.00 -18.66
N HIS A 13 30.11 13.18 -19.59
CA HIS A 13 29.96 13.57 -20.98
C HIS A 13 28.49 13.76 -21.30
N PRO A 14 28.07 14.91 -21.86
CA PRO A 14 28.92 16.04 -22.24
C PRO A 14 29.41 16.89 -21.06
N GLY A 15 28.58 17.04 -20.04
CA GLY A 15 28.95 17.84 -18.89
C GLY A 15 28.06 17.56 -17.71
N ARG A 16 28.51 18.00 -16.53
CA ARG A 16 27.76 17.78 -15.30
C ARG A 16 26.46 18.56 -15.27
N LEU A 17 26.35 19.62 -16.07
CA LEU A 17 25.12 20.40 -16.19
C LEU A 17 24.27 19.80 -17.30
N VAL A 18 23.27 19.01 -16.93
CA VAL A 18 22.43 18.30 -17.89
C VAL A 18 21.02 18.89 -17.82
N LYS A 19 20.47 19.24 -18.98
CA LYS A 19 19.14 19.83 -19.04
C LYS A 19 18.09 18.80 -18.65
N SER A 20 16.91 19.29 -18.29
CA SER A 20 15.84 18.42 -17.84
C SER A 20 15.39 17.48 -18.96
N GLU A 21 15.11 16.23 -18.57
CA GLU A 21 14.68 15.19 -19.50
C GLU A 21 15.69 14.95 -20.62
N GLU A 22 16.98 15.11 -20.30
CA GLU A 22 18.06 14.74 -21.19
C GLU A 22 18.97 13.72 -20.51
N THR A 23 19.81 13.08 -21.31
CA THR A 23 20.65 11.98 -20.84
C THR A 23 22.11 12.41 -20.79
N VAL A 24 22.80 11.97 -19.74
CA VAL A 24 24.21 12.26 -19.54
C VAL A 24 24.95 10.96 -19.28
N ILE A 25 26.14 10.83 -19.84
CA ILE A 25 26.97 9.65 -19.69
C ILE A 25 28.04 9.94 -18.63
N LEU A 26 27.97 9.23 -17.50
CA LEU A 26 28.99 9.30 -16.47
C LEU A 26 29.98 8.16 -16.69
N GLN A 27 31.26 8.51 -16.83
CA GLN A 27 32.31 7.56 -17.17
C GLN A 27 33.24 7.37 -15.97
N CYS A 28 33.40 6.13 -15.53
CA CYS A 28 34.41 5.76 -14.55
C CYS A 28 35.59 5.16 -15.31
N TRP A 29 36.75 5.78 -15.19
CA TRP A 29 37.95 5.32 -15.89
C TRP A 29 39.13 5.36 -14.92
N SER A 30 40.10 4.49 -15.17
CA SER A 30 41.27 4.41 -14.30
C SER A 30 42.35 3.60 -14.99
N ASP A 31 43.60 3.95 -14.70
CA ASP A 31 44.72 3.11 -15.13
C ASP A 31 44.72 1.78 -14.38
N VAL A 32 44.20 1.78 -13.15
CA VAL A 32 44.07 0.53 -12.41
C VAL A 32 43.05 -0.36 -13.09
N ARG A 33 43.41 -1.62 -13.29
CA ARG A 33 42.50 -2.57 -13.91
C ARG A 33 41.34 -2.86 -12.96
N PHE A 34 40.12 -2.57 -13.42
CA PHE A 34 38.90 -2.86 -12.69
C PHE A 34 37.97 -3.67 -13.58
N GLU A 35 37.43 -4.75 -13.04
CA GLU A 35 36.47 -5.58 -13.77
C GLU A 35 35.03 -5.13 -13.57
N HIS A 36 34.73 -4.48 -12.45
CA HIS A 36 33.38 -4.03 -12.15
C HIS A 36 33.43 -2.61 -11.60
N PHE A 37 32.37 -1.85 -11.85
CA PHE A 37 32.27 -0.47 -11.39
C PHE A 37 30.93 -0.25 -10.71
N LEU A 38 30.94 0.54 -9.65
CA LEU A 38 29.75 0.90 -8.89
C LEU A 38 29.63 2.41 -8.83
N LEU A 39 28.46 2.93 -9.19
CA LEU A 39 28.18 4.36 -9.21
C LEU A 39 27.18 4.69 -8.11
N HIS A 40 27.59 5.52 -7.16
CA HIS A 40 26.77 5.87 -6.02
C HIS A 40 26.37 7.34 -6.09
N ARG A 41 25.12 7.63 -5.73
CA ARG A 41 24.59 8.99 -5.72
C ARG A 41 24.12 9.34 -4.32
N GLU A 42 24.45 10.56 -3.88
CA GLU A 42 23.94 11.13 -2.65
C GLU A 42 23.03 12.30 -2.99
N GLY A 43 21.83 12.31 -2.43
CA GLY A 43 20.89 13.39 -2.70
C GLY A 43 19.50 13.04 -2.23
N LYS A 44 18.50 13.53 -2.97
CA LYS A 44 17.12 13.24 -2.63
C LYS A 44 16.83 11.75 -2.68
N PHE A 45 17.35 11.06 -3.69
CA PHE A 45 17.15 9.62 -3.87
C PHE A 45 18.51 8.97 -4.05
N LYS A 46 18.98 8.26 -3.03
CA LYS A 46 20.27 7.61 -3.06
C LYS A 46 20.14 6.24 -3.72
N ASP A 47 21.04 5.93 -4.64
CA ASP A 47 21.01 4.66 -5.34
C ASP A 47 22.41 4.29 -5.81
N THR A 48 22.61 3.01 -6.07
CA THR A 48 23.88 2.49 -6.57
C THR A 48 23.62 1.72 -7.86
N LEU A 49 24.44 1.97 -8.88
CA LEU A 49 24.33 1.31 -10.17
C LEU A 49 25.60 0.52 -10.43
N HIS A 50 25.45 -0.60 -11.13
CA HIS A 50 26.58 -1.44 -11.51
C HIS A 50 26.68 -1.55 -13.03
N LEU A 51 27.91 -1.58 -13.52
CA LEU A 51 28.20 -1.86 -14.92
C LEU A 51 29.48 -2.66 -15.00
N ILE A 52 29.50 -3.66 -15.88
CA ILE A 52 30.71 -4.44 -16.09
C ILE A 52 31.79 -3.57 -16.72
N GLY A 53 33.04 -3.90 -16.45
CA GLY A 53 34.16 -3.09 -16.93
C GLY A 53 34.59 -3.49 -18.33
N GLU A 54 34.93 -2.49 -19.13
CA GLU A 54 35.49 -2.70 -20.46
C GLU A 54 36.97 -2.31 -20.45
N HIS A 55 37.77 -3.08 -21.17
CA HIS A 55 39.22 -2.93 -21.18
C HIS A 55 39.68 -2.44 -22.54
N HIS A 56 40.26 -1.24 -22.57
CA HIS A 56 40.84 -0.68 -23.79
C HIS A 56 42.22 -0.14 -23.45
N ASP A 57 43.23 -0.59 -24.19
CA ASP A 57 44.63 -0.28 -23.91
C ASP A 57 44.91 -0.77 -22.49
N GLY A 58 45.43 0.05 -21.59
CA GLY A 58 45.55 -0.29 -20.20
C GLY A 58 44.51 0.35 -19.31
N VAL A 59 43.46 0.95 -19.87
CA VAL A 59 42.47 1.71 -19.13
C VAL A 59 41.20 0.88 -18.99
N SER A 60 40.70 0.76 -17.76
CA SER A 60 39.41 0.14 -17.49
C SER A 60 38.36 1.23 -17.36
N LYS A 61 37.29 1.13 -18.14
CA LYS A 61 36.32 2.21 -18.25
C LYS A 61 34.91 1.63 -18.39
N ALA A 62 33.94 2.37 -17.83
CA ALA A 62 32.53 2.01 -17.93
C ALA A 62 31.73 3.30 -18.11
N ASN A 63 30.88 3.33 -19.13
CA ASN A 63 30.06 4.49 -19.45
C ASN A 63 28.67 4.28 -18.87
N PHE A 64 28.51 4.63 -17.59
CA PHE A 64 27.19 4.62 -16.97
C PHE A 64 26.28 5.61 -17.66
N SER A 65 24.99 5.27 -17.75
CA SER A 65 24.01 6.09 -18.44
C SER A 65 22.95 6.56 -17.44
N ILE A 66 22.89 7.86 -17.21
CA ILE A 66 21.85 8.48 -16.40
C ILE A 66 20.78 8.99 -17.35
N GLY A 67 19.59 8.39 -17.29
CA GLY A 67 18.58 8.57 -18.29
C GLY A 67 17.95 9.95 -18.33
N PRO A 68 16.73 10.02 -18.89
CA PRO A 68 16.02 11.31 -18.97
C PRO A 68 15.99 12.02 -17.62
N MET A 69 16.60 13.20 -17.59
CA MET A 69 16.94 13.83 -16.32
C MET A 69 15.69 14.16 -15.52
N MET A 70 15.69 13.74 -14.25
CA MET A 70 14.64 14.09 -13.31
C MET A 70 15.29 14.38 -11.97
N GLN A 71 14.48 14.80 -11.01
CA GLN A 71 15.01 15.32 -9.75
C GLN A 71 15.83 14.27 -9.01
N ASP A 72 15.38 13.01 -9.02
CA ASP A 72 16.07 11.96 -8.27
C ASP A 72 17.44 11.64 -8.82
N LEU A 73 17.69 11.90 -10.11
CA LEU A 73 18.96 11.56 -10.73
C LEU A 73 20.02 12.64 -10.54
N ALA A 74 19.73 13.66 -9.74
CA ALA A 74 20.68 14.72 -9.48
C ALA A 74 21.25 14.59 -8.07
N GLY A 75 22.54 14.86 -7.95
CA GLY A 75 23.19 14.79 -6.65
C GLY A 75 24.69 14.64 -6.82
N THR A 76 25.34 14.28 -5.72
CA THR A 76 26.78 14.07 -5.70
C THR A 76 27.08 12.63 -6.05
N TYR A 77 27.78 12.42 -7.17
CA TYR A 77 28.09 11.09 -7.66
C TYR A 77 29.55 10.75 -7.34
N ARG A 78 29.76 9.55 -6.78
CA ARG A 78 31.08 9.02 -6.51
C ARG A 78 31.14 7.60 -7.07
N CYS A 79 32.21 7.29 -7.80
CA CYS A 79 32.33 5.99 -8.44
C CYS A 79 33.32 5.11 -7.67
N TYR A 80 32.88 3.90 -7.36
CA TYR A 80 33.73 2.90 -6.72
C TYR A 80 34.15 1.87 -7.75
N GLY A 81 35.23 1.16 -7.43
CA GLY A 81 35.79 0.19 -8.36
C GLY A 81 35.98 -1.16 -7.69
N SER A 82 35.99 -2.20 -8.52
CA SER A 82 36.14 -3.56 -8.04
C SER A 82 36.59 -4.45 -9.18
N VAL A 83 37.32 -5.51 -8.81
CA VAL A 83 37.68 -6.58 -9.72
C VAL A 83 36.96 -7.87 -9.39
N THR A 84 36.38 -7.97 -8.20
CA THR A 84 35.57 -9.11 -7.79
C THR A 84 34.10 -8.72 -7.83
N HIS A 85 33.25 -9.70 -8.13
CA HIS A 85 31.83 -9.46 -8.30
C HIS A 85 31.01 -9.93 -7.10
N SER A 86 31.14 -11.20 -6.72
CA SER A 86 30.42 -11.71 -5.56
C SER A 86 30.94 -11.08 -4.26
N PRO A 87 32.26 -10.94 -4.07
CA PRO A 87 32.72 -10.16 -2.92
C PRO A 87 32.44 -8.66 -3.06
N TYR A 88 32.63 -8.11 -4.26
CA TYR A 88 32.50 -6.68 -4.51
C TYR A 88 33.40 -5.87 -3.58
N GLN A 89 34.65 -6.30 -3.49
CA GLN A 89 35.66 -5.55 -2.73
C GLN A 89 35.79 -4.16 -3.30
N LEU A 90 35.39 -3.15 -2.54
CA LEU A 90 35.20 -1.80 -3.06
C LEU A 90 36.46 -0.96 -2.86
N SER A 91 36.84 -0.24 -3.91
CA SER A 91 38.00 0.65 -3.86
C SER A 91 37.65 1.89 -3.05
N ALA A 92 38.65 2.76 -2.88
CA ALA A 92 38.39 4.08 -2.31
C ALA A 92 37.48 4.86 -3.24
N PRO A 93 36.61 5.71 -2.69
CA PRO A 93 35.67 6.43 -3.55
C PRO A 93 36.38 7.37 -4.50
N SER A 94 35.82 7.52 -5.70
CA SER A 94 36.31 8.50 -6.64
C SER A 94 36.10 9.90 -6.09
N ASP A 95 36.81 10.86 -6.69
CA ASP A 95 36.57 12.26 -6.35
C ASP A 95 35.14 12.63 -6.72
N PRO A 96 34.45 13.40 -5.88
CA PRO A 96 33.00 13.62 -6.10
C PRO A 96 32.72 14.40 -7.37
N LEU A 97 31.49 14.23 -7.85
CA LEU A 97 31.02 14.93 -9.04
C LEU A 97 29.54 15.25 -8.86
N ASP A 98 29.22 16.55 -8.84
CA ASP A 98 27.85 17.00 -8.62
C ASP A 98 27.14 17.12 -9.96
N ILE A 99 26.21 16.19 -10.22
CA ILE A 99 25.38 16.23 -11.41
C ILE A 99 24.10 16.99 -11.07
N VAL A 100 23.85 18.08 -11.79
CA VAL A 100 22.70 18.95 -11.52
C VAL A 100 21.77 18.95 -12.72
N ILE A 101 20.48 19.16 -12.45
CA ILE A 101 19.45 19.23 -13.48
C ILE A 101 19.08 20.69 -13.69
N THR A 102 19.05 21.12 -14.94
CA THR A 102 18.78 22.50 -15.29
C THR A 102 17.44 22.61 -16.02
N GLY A 103 16.91 23.83 -16.05
CA GLY A 103 15.69 24.12 -16.78
C GLY A 103 14.41 23.96 -15.99
N LEU A 104 14.49 23.82 -14.68
CA LEU A 104 13.31 23.63 -13.85
C LEU A 104 12.64 24.93 -13.43
N TYR A 105 13.29 26.09 -13.67
CA TYR A 105 12.73 27.37 -13.28
C TYR A 105 13.01 28.39 -14.37
N GLU A 106 12.43 29.59 -14.21
CA GLU A 106 12.56 30.63 -15.21
C GLU A 106 14.01 31.09 -15.32
N LYS A 107 14.39 31.54 -16.52
CA LYS A 107 15.76 31.95 -16.74
C LYS A 107 16.05 33.27 -16.03
N PRO A 108 17.27 33.45 -15.54
CA PRO A 108 17.67 34.75 -14.99
C PRO A 108 18.18 35.67 -16.08
N SER A 109 18.50 36.90 -15.66
CA SER A 109 18.99 37.94 -16.55
C SER A 109 20.45 38.22 -16.20
N LEU A 110 21.34 38.06 -17.16
CA LEU A 110 22.76 38.30 -16.97
C LEU A 110 23.14 39.59 -17.69
N SER A 111 23.71 40.54 -16.95
CA SER A 111 24.13 41.82 -17.50
C SER A 111 25.61 42.03 -17.17
N ALA A 112 26.25 42.88 -17.98
CA ALA A 112 27.67 43.18 -17.82
C ALA A 112 27.86 44.68 -17.59
N GLN A 113 28.55 45.02 -16.50
CA GLN A 113 28.98 46.36 -16.22
C GLN A 113 30.50 46.39 -16.09
N PRO A 114 31.21 47.27 -16.80
CA PRO A 114 30.70 48.37 -17.65
C PRO A 114 29.97 47.91 -18.91
N GLY A 115 30.40 46.81 -19.51
CA GLY A 115 29.79 46.30 -20.71
C GLY A 115 30.34 44.97 -21.14
N PRO A 116 29.66 44.30 -22.08
CA PRO A 116 30.17 43.01 -22.57
C PRO A 116 31.55 43.11 -23.18
N THR A 117 31.78 44.08 -24.06
CA THR A 117 33.09 44.31 -24.66
C THR A 117 33.82 45.38 -23.89
N VAL A 118 35.07 45.09 -23.52
CA VAL A 118 35.86 45.97 -22.66
C VAL A 118 37.32 45.91 -23.09
N LEU A 119 38.07 46.93 -22.68
CA LEU A 119 39.50 46.95 -22.93
C LEU A 119 40.24 46.11 -21.90
N ALA A 120 41.47 45.74 -22.25
CA ALA A 120 42.27 44.89 -21.37
C ALA A 120 42.64 45.63 -20.09
N GLY A 121 42.65 44.89 -18.98
CA GLY A 121 42.94 45.46 -17.68
C GLY A 121 41.78 46.16 -17.00
N GLU A 122 40.66 46.34 -17.68
CA GLU A 122 39.50 47.03 -17.12
C GLU A 122 38.60 46.02 -16.40
N SER A 123 38.24 46.34 -15.17
CA SER A 123 37.47 45.41 -14.35
C SER A 123 36.04 45.25 -14.89
N VAL A 124 35.58 44.01 -14.94
CA VAL A 124 34.24 43.68 -15.40
C VAL A 124 33.50 43.01 -14.26
N THR A 125 32.23 43.39 -14.07
CA THR A 125 31.37 42.80 -13.05
C THR A 125 30.08 42.36 -13.72
N LEU A 126 29.76 41.07 -13.59
CA LEU A 126 28.55 40.51 -14.20
C LEU A 126 27.47 40.38 -13.13
N SER A 127 26.26 40.82 -13.48
CA SER A 127 25.14 40.86 -12.55
C SER A 127 24.07 39.85 -12.99
N CYS A 128 23.71 38.95 -12.08
CA CYS A 128 22.63 38.00 -12.29
C CYS A 128 21.38 38.52 -11.59
N SER A 129 20.31 38.72 -12.35
CA SER A 129 19.06 39.25 -11.81
C SER A 129 17.89 38.41 -12.30
N SER A 130 16.89 38.25 -11.44
CA SER A 130 15.66 37.57 -11.80
C SER A 130 14.56 38.01 -10.83
N ARG A 131 13.32 38.03 -11.33
CA ARG A 131 12.18 38.31 -10.47
C ARG A 131 11.82 37.13 -9.58
N SER A 132 12.41 35.96 -9.83
CA SER A 132 12.22 34.82 -8.95
C SER A 132 13.15 34.92 -7.75
N SER A 133 12.75 34.27 -6.66
CA SER A 133 13.46 34.39 -5.38
C SER A 133 14.53 33.31 -5.25
N TYR A 134 15.43 33.31 -6.22
CA TYR A 134 16.57 32.41 -6.21
C TYR A 134 17.49 32.75 -5.04
N ASP A 135 17.71 31.78 -4.16
CA ASP A 135 18.55 32.02 -2.99
C ASP A 135 20.03 32.13 -3.36
N MET A 136 20.41 31.62 -4.52
CA MET A 136 21.80 31.67 -4.96
C MET A 136 21.83 31.60 -6.48
N TYR A 137 22.90 32.16 -7.05
CA TYR A 137 23.11 32.17 -8.49
C TYR A 137 24.42 31.49 -8.83
N HIS A 138 24.50 30.93 -10.03
CA HIS A 138 25.66 30.19 -10.49
C HIS A 138 26.12 30.76 -11.82
N LEU A 139 27.41 31.09 -11.91
CA LEU A 139 28.00 31.64 -13.13
C LEU A 139 28.80 30.55 -13.84
N SER A 140 28.64 30.47 -15.15
CA SER A 140 29.26 29.43 -15.95
C SER A 140 29.92 30.06 -17.18
N ARG A 141 31.18 29.72 -17.42
CA ARG A 141 31.92 30.16 -18.59
C ARG A 141 32.24 28.95 -19.44
N GLU A 142 31.93 29.03 -20.73
CA GLU A 142 32.06 27.91 -21.68
C GLU A 142 31.31 26.68 -21.21
N GLY A 143 30.17 26.86 -20.56
CA GLY A 143 29.42 25.72 -20.01
C GLY A 143 29.97 25.08 -18.75
N GLU A 144 31.26 24.74 -18.73
CA GLU A 144 31.87 24.05 -17.60
C GLU A 144 32.55 25.08 -16.70
N ALA A 145 31.82 25.51 -15.66
CA ALA A 145 32.35 26.40 -14.65
C ALA A 145 31.41 26.36 -13.45
N HIS A 146 31.89 26.89 -12.33
CA HIS A 146 31.13 26.87 -11.09
C HIS A 146 31.62 28.01 -10.20
N GLU A 147 30.85 29.11 -10.18
CA GLU A 147 31.05 30.20 -9.24
C GLU A 147 29.69 30.49 -8.60
N CYS A 148 29.57 30.18 -7.31
CA CYS A 148 28.31 30.33 -6.59
C CYS A 148 28.42 31.45 -5.57
N ARG A 149 27.47 32.39 -5.62
CA ARG A 149 27.35 33.46 -4.65
C ARG A 149 25.91 33.57 -4.17
N PHE A 150 25.73 33.86 -2.89
CA PHE A 150 24.40 34.03 -2.34
C PHE A 150 23.74 35.26 -2.97
N SER A 151 22.41 35.26 -3.03
CA SER A 151 21.68 36.31 -3.70
C SER A 151 21.09 37.29 -2.70
N ALA A 152 20.95 38.54 -3.13
CA ALA A 152 20.25 39.53 -2.35
C ALA A 152 18.75 39.39 -2.57
N GLY A 153 18.00 39.72 -1.52
CA GLY A 153 16.57 39.48 -1.50
C GLY A 153 15.77 40.46 -2.33
N PRO A 154 14.51 40.67 -1.93
CA PRO A 154 13.59 41.47 -2.74
C PRO A 154 13.96 42.95 -2.76
N LYS A 155 14.52 43.40 -3.88
CA LYS A 155 14.73 44.82 -4.09
C LYS A 155 13.39 45.52 -4.28
N VAL A 156 13.41 46.85 -4.15
CA VAL A 156 12.22 47.63 -4.46
C VAL A 156 11.83 47.42 -5.91
N ASN A 157 12.80 47.14 -6.77
CA ASN A 157 12.55 46.75 -8.14
C ASN A 157 11.80 45.42 -8.21
N GLY A 158 11.89 44.60 -7.16
CA GLY A 158 11.31 43.27 -7.18
C GLY A 158 12.23 42.19 -7.69
N THR A 159 13.51 42.49 -7.86
CA THR A 159 14.47 41.55 -8.45
C THR A 159 15.41 41.02 -7.36
N PHE A 160 15.75 39.74 -7.47
CA PHE A 160 16.76 39.12 -6.63
C PHE A 160 18.05 39.05 -7.43
N GLN A 161 19.14 39.59 -6.86
CA GLN A 161 20.33 39.86 -7.65
C GLN A 161 21.58 39.39 -6.92
N ALA A 162 22.59 39.05 -7.72
CA ALA A 162 23.92 38.71 -7.23
C ALA A 162 24.95 39.25 -8.23
N ASP A 163 26.04 39.83 -7.70
CA ASP A 163 27.04 40.49 -8.50
C ASP A 163 28.33 39.67 -8.48
N PHE A 164 28.80 39.28 -9.67
CA PHE A 164 29.99 38.45 -9.82
C PHE A 164 31.15 39.30 -10.33
N PRO A 165 32.13 39.64 -9.50
CA PRO A 165 33.26 40.45 -9.97
C PRO A 165 34.27 39.61 -10.72
N LEU A 166 34.36 39.82 -12.03
CA LEU A 166 35.35 39.12 -12.85
C LEU A 166 36.76 39.66 -12.66
N GLY A 167 36.91 40.90 -12.22
CA GLY A 167 38.22 41.48 -11.98
C GLY A 167 38.84 42.05 -13.23
N PRO A 168 40.12 42.38 -13.16
CA PRO A 168 40.82 42.90 -14.35
C PRO A 168 40.72 41.93 -15.51
N ALA A 169 40.34 42.45 -16.67
CA ALA A 169 40.01 41.61 -17.81
C ALA A 169 41.26 41.28 -18.61
N THR A 170 41.59 39.99 -18.67
CA THR A 170 42.61 39.47 -19.57
C THR A 170 42.06 38.44 -20.55
N HIS A 171 41.07 37.66 -20.15
CA HIS A 171 40.43 36.69 -21.01
C HIS A 171 38.99 37.09 -21.31
N GLY A 172 38.48 36.58 -22.41
CA GLY A 172 37.09 36.77 -22.78
C GLY A 172 36.42 35.43 -22.99
N GLY A 173 35.15 35.36 -22.64
CA GLY A 173 34.42 34.11 -22.78
C GLY A 173 32.93 34.33 -22.81
N THR A 174 32.20 33.23 -23.02
CA THR A 174 30.75 33.23 -23.07
C THR A 174 30.22 32.79 -21.70
N TYR A 175 29.60 33.71 -20.99
CA TYR A 175 29.13 33.47 -19.63
C TYR A 175 27.62 33.31 -19.60
N ARG A 176 27.15 32.37 -18.78
CA ARG A 176 25.73 32.12 -18.59
C ARG A 176 25.43 32.12 -17.10
N CYS A 177 24.17 32.39 -16.76
CA CYS A 177 23.74 32.46 -15.38
C CYS A 177 22.69 31.39 -15.09
N PHE A 178 22.73 30.83 -13.89
CA PHE A 178 21.76 29.86 -13.42
C PHE A 178 21.29 30.24 -12.03
N GLY A 179 20.03 29.93 -11.73
CA GLY A 179 19.44 30.21 -10.44
C GLY A 179 19.09 28.92 -9.72
N SER A 180 19.13 28.97 -8.39
CA SER A 180 18.87 27.79 -7.58
C SER A 180 18.29 28.21 -6.23
N PHE A 181 17.60 27.28 -5.59
CA PHE A 181 17.06 27.46 -4.26
C PHE A 181 17.83 26.60 -3.27
N ARG A 182 17.91 27.06 -2.02
CA ARG A 182 18.78 26.42 -1.05
C ARG A 182 18.24 25.05 -0.64
N ASP A 183 16.93 24.85 -0.68
CA ASP A 183 16.37 23.56 -0.30
C ASP A 183 16.77 22.46 -1.29
N SER A 184 16.79 22.79 -2.58
CA SER A 184 17.15 21.84 -3.65
C SER A 184 18.45 22.29 -4.27
N PRO A 185 19.60 21.89 -3.73
CA PRO A 185 20.87 22.44 -4.21
C PRO A 185 21.25 22.01 -5.62
N TYR A 186 20.89 20.78 -6.02
CA TYR A 186 21.30 20.25 -7.31
C TYR A 186 20.24 20.47 -8.39
N GLU A 187 19.23 21.30 -8.12
CA GLU A 187 18.15 21.58 -9.07
C GLU A 187 18.23 23.06 -9.45
N TRP A 188 18.63 23.33 -10.69
CA TRP A 188 18.88 24.68 -11.16
C TRP A 188 17.81 25.11 -12.16
N SER A 189 17.89 26.36 -12.59
CA SER A 189 16.91 26.97 -13.46
C SER A 189 17.38 26.89 -14.92
N ASN A 190 16.56 27.47 -15.80
CA ASN A 190 16.97 27.67 -17.18
C ASN A 190 18.20 28.58 -17.23
N SER A 191 19.02 28.37 -18.25
CA SER A 191 20.19 29.21 -18.44
C SER A 191 19.78 30.61 -18.87
N SER A 192 20.49 31.61 -18.37
CA SER A 192 20.30 32.97 -18.87
C SER A 192 20.74 33.05 -20.33
N ASP A 193 20.22 34.07 -21.02
CA ASP A 193 20.66 34.31 -22.39
C ASP A 193 22.16 34.59 -22.38
N PRO A 194 22.95 33.86 -23.18
CA PRO A 194 24.40 33.94 -23.05
C PRO A 194 24.93 35.35 -23.32
N LEU A 195 25.95 35.72 -22.55
CA LEU A 195 26.55 37.04 -22.63
C LEU A 195 28.02 36.89 -22.99
N LEU A 196 28.43 37.47 -24.11
CA LEU A 196 29.79 37.35 -24.61
C LEU A 196 30.63 38.51 -24.08
N VAL A 197 31.66 38.17 -23.30
CA VAL A 197 32.64 39.14 -22.83
C VAL A 197 33.82 39.10 -23.79
N SER A 198 34.10 40.22 -24.45
CA SER A 198 35.20 40.34 -25.38
C SER A 198 36.20 41.37 -24.87
N VAL A 199 37.48 41.01 -24.92
CA VAL A 199 38.56 41.88 -24.48
C VAL A 199 39.33 42.33 -25.72
N ILE A 200 39.31 43.63 -25.98
CA ILE A 200 39.98 44.18 -27.15
C ILE A 200 41.34 44.76 -26.77
N GLN B 1 15.06 -17.30 -8.50
CA GLN B 1 13.72 -17.02 -8.00
C GLN B 1 13.80 -16.29 -6.66
N VAL B 2 13.84 -14.95 -6.73
CA VAL B 2 13.96 -14.14 -5.53
C VAL B 2 12.70 -14.28 -4.68
N GLN B 3 12.87 -14.47 -3.38
CA GLN B 3 11.76 -14.63 -2.46
C GLN B 3 12.04 -13.87 -1.18
N LEU B 4 10.97 -13.41 -0.54
CA LEU B 4 11.08 -12.60 0.68
C LEU B 4 10.16 -13.17 1.75
N VAL B 5 10.71 -13.41 2.94
CA VAL B 5 9.95 -13.86 4.10
C VAL B 5 10.05 -12.78 5.16
N GLN B 6 8.99 -12.65 5.96
CA GLN B 6 8.89 -11.58 6.94
C GLN B 6 8.67 -12.14 8.34
N SER B 7 8.73 -11.24 9.31
CA SER B 7 8.53 -11.60 10.71
C SER B 7 7.04 -11.83 10.99
N GLY B 8 6.76 -12.28 12.20
CA GLY B 8 5.40 -12.60 12.59
C GLY B 8 4.62 -11.39 13.08
N ALA B 9 3.32 -11.59 13.23
CA ALA B 9 2.45 -10.53 13.70
C ALA B 9 2.83 -10.11 15.12
N GLU B 10 2.64 -8.83 15.42
CA GLU B 10 3.02 -8.25 16.70
C GLU B 10 1.88 -7.39 17.25
N VAL B 11 1.60 -7.56 18.53
CA VAL B 11 0.63 -6.73 19.24
C VAL B 11 1.41 -5.89 20.23
N LYS B 12 1.38 -4.57 20.05
CA LYS B 12 2.17 -3.66 20.86
C LYS B 12 1.29 -2.56 21.43
N LYS B 13 1.70 -2.05 22.58
CA LYS B 13 0.99 -0.97 23.26
C LYS B 13 1.38 0.37 22.66
N PRO B 14 0.56 1.40 22.85
CA PRO B 14 0.92 2.74 22.36
C PRO B 14 2.21 3.23 23.00
N GLY B 15 3.07 3.82 22.16
CA GLY B 15 4.36 4.30 22.61
C GLY B 15 5.49 3.30 22.55
N SER B 16 5.21 2.06 22.21
CA SER B 16 6.25 1.04 22.12
C SER B 16 6.97 1.13 20.77
N SER B 17 8.00 0.29 20.63
CA SER B 17 8.81 0.22 19.43
C SER B 17 8.72 -1.18 18.84
N VAL B 18 8.45 -1.27 17.55
CA VAL B 18 8.31 -2.54 16.86
C VAL B 18 9.38 -2.65 15.80
N LYS B 19 9.87 -3.87 15.58
CA LYS B 19 10.87 -4.15 14.56
C LYS B 19 10.43 -5.36 13.75
N VAL B 20 10.44 -5.22 12.42
CA VAL B 20 10.01 -6.27 11.50
C VAL B 20 11.22 -6.64 10.62
N SER B 21 11.35 -7.93 10.34
CA SER B 21 12.46 -8.45 9.53
C SER B 21 11.96 -8.88 8.17
N CYS B 22 12.88 -8.89 7.20
CA CYS B 22 12.57 -9.26 5.81
C CYS B 22 13.75 -10.07 5.27
N LYS B 23 13.61 -11.38 5.25
CA LYS B 23 14.68 -12.27 4.83
C LYS B 23 14.59 -12.57 3.35
N ALA B 24 15.70 -12.42 2.64
CA ALA B 24 15.73 -12.53 1.19
C ALA B 24 16.49 -13.77 0.76
N SER B 25 15.99 -14.43 -0.28
CA SER B 25 16.67 -15.56 -0.89
C SER B 25 16.56 -15.46 -2.40
N GLY B 26 17.37 -16.25 -3.09
CA GLY B 26 17.34 -16.29 -4.54
C GLY B 26 18.26 -15.32 -5.24
N GLY B 27 19.11 -14.61 -4.51
CA GLY B 27 20.04 -13.69 -5.14
C GLY B 27 20.89 -13.00 -4.08
N THR B 28 21.83 -12.22 -4.57
CA THR B 28 22.72 -11.49 -3.66
C THR B 28 21.97 -10.34 -3.01
N PHE B 29 22.01 -10.29 -1.68
CA PHE B 29 21.31 -9.25 -0.94
C PHE B 29 21.82 -7.87 -1.30
N SER B 30 23.10 -7.76 -1.68
CA SER B 30 23.66 -6.45 -2.02
C SER B 30 23.06 -5.89 -3.29
N SER B 31 22.68 -6.76 -4.23
CA SER B 31 22.09 -6.28 -5.48
C SER B 31 20.67 -5.78 -5.31
N PHE B 32 19.99 -6.17 -4.23
CA PHE B 32 18.58 -5.86 -4.07
C PHE B 32 18.39 -4.49 -3.44
N ALA B 33 17.38 -3.77 -3.91
CA ALA B 33 16.89 -2.55 -3.27
C ALA B 33 15.55 -2.89 -2.62
N ILE B 34 15.55 -3.02 -1.30
CA ILE B 34 14.37 -3.45 -0.55
C ILE B 34 13.70 -2.21 0.03
N SER B 35 12.43 -2.00 -0.32
CA SER B 35 11.62 -0.93 0.21
C SER B 35 10.55 -1.50 1.15
N TRP B 36 9.94 -0.60 1.91
CA TRP B 36 8.91 -0.97 2.88
C TRP B 36 7.64 -0.18 2.61
N VAL B 37 6.53 -0.89 2.46
CA VAL B 37 5.24 -0.29 2.14
C VAL B 37 4.25 -0.64 3.24
N ARG B 38 3.44 0.34 3.62
CA ARG B 38 2.44 0.19 4.67
C ARG B 38 1.04 0.20 4.06
N GLN B 39 0.18 -0.69 4.54
CA GLN B 39 -1.21 -0.74 4.12
C GLN B 39 -2.08 -0.55 5.36
N ALA B 40 -2.58 0.68 5.54
CA ALA B 40 -3.44 1.01 6.66
C ALA B 40 -4.84 0.43 6.44
N PRO B 41 -5.65 0.35 7.50
CA PRO B 41 -7.02 -0.16 7.32
C PRO B 41 -7.82 0.60 6.26
N GLY B 42 -7.93 1.91 6.39
CA GLY B 42 -8.65 2.70 5.42
C GLY B 42 -7.78 3.16 4.26
N GLN B 43 -6.56 3.58 4.56
CA GLN B 43 -5.64 4.04 3.53
C GLN B 43 -5.17 2.88 2.66
N GLY B 44 -4.63 3.23 1.50
CA GLY B 44 -4.13 2.23 0.57
C GLY B 44 -2.70 1.81 0.85
N LEU B 45 -1.83 1.99 -0.14
CA LEU B 45 -0.42 1.63 -0.03
C LEU B 45 0.42 2.89 0.04
N GLU B 46 1.37 2.92 0.98
CA GLU B 46 2.23 4.07 1.21
C GLU B 46 3.68 3.62 1.24
N TRP B 47 4.52 4.22 0.41
CA TRP B 47 5.94 3.93 0.42
C TRP B 47 6.61 4.66 1.58
N MET B 48 7.12 3.92 2.55
CA MET B 48 7.76 4.51 3.71
C MET B 48 9.25 4.78 3.51
N GLY B 49 9.90 3.96 2.69
CA GLY B 49 11.33 4.10 2.48
C GLY B 49 11.93 2.78 2.06
N GLY B 50 13.20 2.84 1.65
CA GLY B 50 13.89 1.66 1.19
C GLY B 50 15.39 1.81 1.27
N ILE B 51 16.06 0.66 1.36
CA ILE B 51 17.52 0.63 1.44
C ILE B 51 18.11 0.78 0.05
N ILE B 52 19.26 1.46 -0.03
CA ILE B 52 20.04 1.54 -1.27
C ILE B 52 20.64 0.16 -1.50
N PRO B 53 20.95 -0.21 -2.74
CA PRO B 53 21.42 -1.58 -3.00
C PRO B 53 22.63 -2.02 -2.19
N ILE B 54 23.81 -1.48 -2.53
CA ILE B 54 25.06 -2.05 -2.03
C ILE B 54 25.39 -1.54 -0.63
N PHE B 55 25.31 -0.23 -0.43
CA PHE B 55 25.86 0.37 0.79
C PHE B 55 24.94 0.21 2.00
N GLY B 56 23.64 0.05 1.79
CA GLY B 56 22.72 -0.15 2.89
C GLY B 56 22.10 1.11 3.45
N THR B 57 22.52 2.28 2.98
CA THR B 57 21.86 3.51 3.39
C THR B 57 20.42 3.52 2.86
N ALA B 58 19.55 4.22 3.59
CA ALA B 58 18.12 4.16 3.35
C ALA B 58 17.56 5.54 3.00
N ASN B 59 16.85 5.60 1.88
CA ASN B 59 16.01 6.75 1.57
C ASN B 59 14.72 6.65 2.36
N TYR B 60 14.25 7.77 2.87
CA TYR B 60 13.04 7.81 3.69
C TYR B 60 12.01 8.74 3.06
N ALA B 61 10.76 8.54 3.44
CA ALA B 61 9.68 9.46 3.13
C ALA B 61 9.48 10.41 4.30
N GLN B 62 9.17 11.67 3.97
CA GLN B 62 9.08 12.70 5.00
C GLN B 62 8.03 12.35 6.05
N LYS B 63 6.90 11.80 5.64
CA LYS B 63 5.83 11.47 6.59
C LYS B 63 6.30 10.49 7.65
N PHE B 64 7.06 9.48 7.24
CA PHE B 64 7.50 8.43 8.16
C PHE B 64 8.87 8.68 8.76
N GLN B 65 9.61 9.66 8.27
CA GLN B 65 10.94 9.95 8.81
C GLN B 65 10.80 10.51 10.23
N GLY B 66 11.74 10.13 11.09
CA GLY B 66 11.73 10.52 12.49
C GLY B 66 11.20 9.44 13.41
N ARG B 67 10.30 8.58 12.92
CA ARG B 67 9.80 7.44 13.66
C ARG B 67 10.14 6.11 13.02
N VAL B 68 10.71 6.08 11.82
CA VAL B 68 11.01 4.84 11.12
C VAL B 68 12.51 4.80 10.83
N THR B 69 13.13 3.68 11.16
CA THR B 69 14.53 3.43 10.83
C THR B 69 14.62 2.12 10.05
N ILE B 70 15.20 2.18 8.86
CA ILE B 70 15.32 1.02 7.98
C ILE B 70 16.79 0.63 7.91
N THR B 71 17.09 -0.62 8.25
CA THR B 71 18.44 -1.14 8.31
C THR B 71 18.52 -2.45 7.54
N ALA B 72 19.75 -2.96 7.41
CA ALA B 72 19.99 -4.19 6.69
C ALA B 72 21.21 -4.89 7.29
N ASP B 73 21.17 -6.23 7.24
CA ASP B 73 22.27 -7.06 7.73
C ASP B 73 22.67 -8.00 6.60
N GLU B 74 23.83 -7.74 5.99
CA GLU B 74 24.28 -8.53 4.85
C GLU B 74 24.56 -9.97 5.25
N SER B 75 24.98 -10.20 6.50
CA SER B 75 25.30 -11.56 6.92
C SER B 75 24.05 -12.44 6.96
N THR B 76 22.95 -11.90 7.48
CA THR B 76 21.69 -12.63 7.59
C THR B 76 20.85 -12.56 6.32
N SER B 77 21.27 -11.76 5.33
CA SER B 77 20.48 -11.53 4.13
C SER B 77 19.07 -11.05 4.48
N THR B 78 19.00 -10.15 5.46
CA THR B 78 17.74 -9.73 6.04
C THR B 78 17.70 -8.21 6.17
N ALA B 79 16.55 -7.62 5.91
CA ALA B 79 16.30 -6.20 6.07
C ALA B 79 15.35 -5.97 7.23
N TYR B 80 15.54 -4.86 7.93
CA TYR B 80 14.78 -4.56 9.13
C TYR B 80 14.12 -3.19 9.02
N MET B 81 12.99 -3.05 9.72
CA MET B 81 12.24 -1.80 9.76
C MET B 81 11.71 -1.61 11.17
N GLU B 82 11.96 -0.45 11.76
CA GLU B 82 11.64 -0.21 13.16
C GLU B 82 10.82 1.07 13.29
N LEU B 83 9.69 0.96 13.99
CA LEU B 83 8.83 2.10 14.29
C LEU B 83 9.12 2.55 15.72
N SER B 84 9.46 3.83 15.88
CA SER B 84 9.92 4.32 17.18
C SER B 84 8.77 4.45 18.17
N SER B 85 7.79 5.29 17.85
CA SER B 85 6.67 5.57 18.75
C SER B 85 5.39 5.03 18.10
N LEU B 86 4.80 4.03 18.74
CA LEU B 86 3.59 3.39 18.23
C LEU B 86 2.34 4.16 18.66
N ARG B 87 1.51 4.51 17.68
CA ARG B 87 0.21 5.12 17.91
C ARG B 87 -0.85 4.31 17.19
N SER B 88 -2.12 4.59 17.48
CA SER B 88 -3.22 3.84 16.88
C SER B 88 -3.22 3.98 15.36
N GLU B 89 -2.74 5.11 14.84
CA GLU B 89 -2.65 5.28 13.40
C GLU B 89 -1.63 4.33 12.78
N ASP B 90 -0.61 3.93 13.54
CA ASP B 90 0.43 3.07 12.98
C ASP B 90 -0.07 1.65 12.74
N THR B 91 -1.18 1.25 13.36
CA THR B 91 -1.73 -0.08 13.18
C THR B 91 -2.05 -0.34 11.71
N ALA B 92 -1.32 -1.28 11.11
CA ALA B 92 -1.46 -1.56 9.69
C ALA B 92 -0.70 -2.85 9.36
N VAL B 93 -0.78 -3.27 8.10
CA VAL B 93 0.00 -4.39 7.58
C VAL B 93 1.19 -3.81 6.82
N TYR B 94 2.39 -4.17 7.26
CA TYR B 94 3.62 -3.63 6.69
C TYR B 94 4.29 -4.67 5.80
N TYR B 95 4.56 -4.31 4.56
CA TYR B 95 5.18 -5.19 3.59
C TYR B 95 6.62 -4.74 3.30
N CYS B 96 7.45 -5.70 2.91
CA CYS B 96 8.73 -5.41 2.30
C CYS B 96 8.71 -5.91 0.86
N ALA B 97 9.45 -5.23 -0.01
CA ALA B 97 9.41 -5.55 -1.43
C ALA B 97 10.74 -5.17 -2.07
N ARG B 98 11.07 -5.89 -3.14
CA ARG B 98 12.25 -5.61 -3.95
C ARG B 98 11.85 -4.70 -5.11
N VAL B 99 12.55 -3.59 -5.25
CA VAL B 99 12.32 -2.64 -6.34
C VAL B 99 13.28 -2.97 -7.47
N SER B 100 12.75 -3.16 -8.67
CA SER B 100 13.55 -3.51 -9.83
C SER B 100 13.79 -2.27 -10.70
N GLY B 101 15.02 -2.13 -11.18
CA GLY B 101 15.37 -0.97 -11.99
C GLY B 101 15.76 -1.31 -13.42
N THR B 102 15.64 -0.33 -14.31
CA THR B 102 16.04 -0.51 -15.69
C THR B 102 17.16 0.47 -16.06
N THR B 103 17.28 0.80 -17.33
CA THR B 103 18.35 1.69 -17.75
C THR B 103 18.06 3.13 -17.33
N GLY B 104 19.12 3.87 -17.08
CA GLY B 104 19.03 5.29 -16.79
C GLY B 104 18.90 5.65 -15.33
N GLY B 105 19.06 4.70 -14.42
CA GLY B 105 18.87 4.97 -13.01
C GLY B 105 17.43 4.94 -12.55
N TYR B 106 16.49 4.66 -13.44
CA TYR B 106 15.08 4.57 -13.08
C TYR B 106 14.76 3.22 -12.43
N TYR B 107 13.75 3.23 -11.58
CA TYR B 107 13.11 2.02 -11.08
C TYR B 107 11.69 1.99 -11.63
N TYR B 108 11.19 0.80 -11.96
CA TYR B 108 9.90 0.69 -12.61
C TYR B 108 8.81 0.06 -11.74
N GLY B 109 9.15 -0.51 -10.60
CA GLY B 109 8.14 -1.07 -9.72
C GLY B 109 8.72 -2.08 -8.77
N MET B 110 7.83 -2.67 -7.99
CA MET B 110 8.17 -3.67 -6.99
C MET B 110 7.66 -5.01 -7.48
N ASP B 111 8.57 -5.84 -8.00
CA ASP B 111 8.16 -7.09 -8.63
C ASP B 111 7.96 -8.20 -7.60
N VAL B 112 8.79 -8.24 -6.57
CA VAL B 112 8.74 -9.28 -5.54
C VAL B 112 8.28 -8.64 -4.24
N TRP B 113 7.34 -9.29 -3.56
CA TRP B 113 6.80 -8.81 -2.30
C TRP B 113 6.90 -9.91 -1.25
N GLY B 114 6.97 -9.49 0.01
CA GLY B 114 6.88 -10.41 1.13
C GLY B 114 5.43 -10.76 1.43
N GLN B 115 5.25 -11.57 2.47
CA GLN B 115 3.90 -11.97 2.89
C GLN B 115 3.24 -10.96 3.81
N GLY B 116 3.96 -9.97 4.31
CA GLY B 116 3.35 -8.96 5.14
C GLY B 116 3.36 -9.32 6.61
N THR B 117 3.42 -8.29 7.44
CA THR B 117 3.42 -8.44 8.88
C THR B 117 2.38 -7.50 9.48
N LEU B 118 1.58 -8.03 10.40
CA LEU B 118 0.51 -7.28 11.05
C LEU B 118 1.01 -6.71 12.37
N VAL B 119 1.07 -5.38 12.47
CA VAL B 119 1.32 -4.70 13.73
C VAL B 119 0.00 -4.08 14.18
N THR B 120 -0.26 -4.13 15.48
CA THR B 120 -1.55 -3.72 16.02
C THR B 120 -1.34 -3.00 17.34
N VAL B 121 -1.81 -1.75 17.41
CA VAL B 121 -1.76 -1.04 18.67
C VAL B 121 -2.80 -1.63 19.63
N SER B 122 -2.61 -1.33 20.92
CA SER B 122 -3.50 -1.87 21.94
C SER B 122 -4.92 -1.37 21.73
N SER B 123 -5.88 -2.29 21.85
CA SER B 123 -7.29 -1.96 21.60
C SER B 123 -7.81 -0.98 22.65
N ALA B 124 -7.73 -1.36 23.93
CA ALA B 124 -8.15 -0.52 25.04
C ALA B 124 -9.62 -0.11 24.90
N SER B 125 -10.49 -1.11 24.83
CA SER B 125 -11.92 -0.90 24.69
C SER B 125 -12.64 -2.04 25.41
N THR B 126 -13.30 -1.71 26.51
CA THR B 126 -14.01 -2.70 27.31
C THR B 126 -15.39 -2.17 27.68
N LYS B 127 -16.32 -3.09 27.91
CA LYS B 127 -17.68 -2.75 28.32
C LYS B 127 -18.10 -3.69 29.44
N GLY B 128 -18.65 -3.14 30.51
CA GLY B 128 -19.03 -3.90 31.68
C GLY B 128 -20.32 -4.67 31.50
N PRO B 129 -20.49 -5.75 32.25
CA PRO B 129 -21.68 -6.58 32.10
C PRO B 129 -22.87 -6.05 32.89
N SER B 130 -24.05 -6.40 32.41
CA SER B 130 -25.30 -6.15 33.11
C SER B 130 -25.87 -7.49 33.58
N VAL B 131 -26.10 -7.62 34.88
CA VAL B 131 -26.52 -8.87 35.49
C VAL B 131 -28.00 -8.76 35.84
N PHE B 132 -28.79 -9.70 35.34
CA PHE B 132 -30.23 -9.76 35.56
C PHE B 132 -30.60 -11.12 36.12
N PRO B 133 -31.66 -11.18 36.94
CA PRO B 133 -31.98 -12.45 37.64
C PRO B 133 -32.81 -13.38 36.78
N LEU B 134 -32.42 -14.65 36.75
CA LEU B 134 -33.26 -15.73 36.23
C LEU B 134 -34.05 -16.25 37.43
N ALA B 135 -35.23 -15.67 37.65
CA ALA B 135 -35.95 -15.84 38.89
C ALA B 135 -36.60 -17.23 38.98
N PRO B 136 -36.55 -17.87 40.15
CA PRO B 136 -37.22 -19.15 40.42
C PRO B 136 -38.72 -18.97 40.67
N THR B 145 -37.53 -30.32 42.11
CA THR B 145 -36.33 -29.55 41.88
C THR B 145 -36.64 -28.18 41.26
N ALA B 146 -35.88 -27.17 41.66
CA ALA B 146 -36.05 -25.81 41.16
C ALA B 146 -34.75 -25.32 40.55
N ALA B 147 -34.84 -24.25 39.78
CA ALA B 147 -33.69 -23.69 39.08
C ALA B 147 -33.69 -22.18 39.23
N LEU B 148 -32.55 -21.63 39.65
CA LEU B 148 -32.33 -20.19 39.70
C LEU B 148 -31.04 -19.87 38.96
N GLY B 149 -30.85 -18.60 38.63
CA GLY B 149 -29.65 -18.22 37.93
C GLY B 149 -29.56 -16.73 37.69
N CYS B 150 -28.48 -16.34 37.03
CA CYS B 150 -28.21 -14.96 36.66
C CYS B 150 -27.83 -14.89 35.19
N LEU B 151 -28.34 -13.87 34.50
CA LEU B 151 -28.04 -13.64 33.09
C LEU B 151 -27.04 -12.49 32.99
N VAL B 152 -25.79 -12.83 32.68
CA VAL B 152 -24.76 -11.84 32.44
C VAL B 152 -24.83 -11.46 30.96
N LYS B 153 -25.13 -10.20 30.67
CA LYS B 153 -25.46 -9.77 29.32
C LYS B 153 -24.71 -8.49 28.96
N ASP B 154 -24.37 -8.39 27.67
CA ASP B 154 -23.77 -7.19 27.07
C ASP B 154 -22.48 -6.80 27.79
N TYR B 155 -21.44 -7.57 27.52
CA TYR B 155 -20.10 -7.29 28.03
C TYR B 155 -19.08 -7.59 26.95
N PHE B 156 -17.93 -6.91 27.04
CA PHE B 156 -16.84 -7.08 26.10
C PHE B 156 -15.57 -6.58 26.75
N PRO B 157 -14.45 -7.32 26.63
CA PRO B 157 -14.41 -8.62 25.96
C PRO B 157 -14.52 -9.76 26.96
N GLU B 158 -14.37 -11.00 26.48
CA GLU B 158 -14.23 -12.12 27.39
C GLU B 158 -12.89 -12.03 28.11
N PRO B 159 -12.76 -12.68 29.28
CA PRO B 159 -13.73 -13.55 29.96
C PRO B 159 -14.54 -12.87 31.05
N VAL B 160 -15.52 -13.60 31.57
CA VAL B 160 -16.28 -13.20 32.75
C VAL B 160 -16.27 -14.38 33.71
N THR B 161 -16.15 -14.08 35.00
CA THR B 161 -16.12 -15.10 36.04
C THR B 161 -17.38 -14.98 36.90
N VAL B 162 -18.06 -16.10 37.10
CA VAL B 162 -19.28 -16.14 37.90
C VAL B 162 -19.05 -17.07 39.08
N SER B 163 -19.38 -16.58 40.27
CA SER B 163 -19.36 -17.37 41.49
C SER B 163 -20.71 -17.22 42.18
N TRP B 164 -21.00 -18.17 43.07
CA TRP B 164 -22.27 -18.19 43.80
C TRP B 164 -21.98 -18.18 45.29
N ASN B 165 -22.57 -17.22 46.00
CA ASN B 165 -22.34 -17.01 47.44
C ASN B 165 -20.84 -16.88 47.74
N SER B 166 -20.15 -16.08 46.93
CA SER B 166 -18.71 -15.82 47.07
C SER B 166 -17.88 -17.09 46.94
N GLY B 167 -18.38 -18.07 46.18
CA GLY B 167 -17.69 -19.33 46.01
C GLY B 167 -18.10 -20.42 46.98
N ALA B 168 -18.96 -20.11 47.95
CA ALA B 168 -19.39 -21.12 48.91
C ALA B 168 -20.34 -22.12 48.30
N LEU B 169 -21.02 -21.77 47.21
CA LEU B 169 -21.98 -22.64 46.56
C LEU B 169 -21.38 -23.18 45.27
N THR B 170 -21.08 -24.48 45.25
CA THR B 170 -20.58 -25.14 44.06
C THR B 170 -21.47 -26.27 43.56
N SER B 171 -22.34 -26.82 44.41
CA SER B 171 -23.18 -27.95 44.02
C SER B 171 -24.34 -27.46 43.16
N GLY B 172 -24.52 -28.08 42.00
CA GLY B 172 -25.59 -27.73 41.10
C GLY B 172 -25.33 -26.52 40.22
N VAL B 173 -24.13 -25.96 40.26
CA VAL B 173 -23.81 -24.76 39.50
C VAL B 173 -23.36 -25.17 38.10
N HIS B 174 -24.06 -24.67 37.09
CA HIS B 174 -23.66 -24.80 35.69
C HIS B 174 -23.52 -23.40 35.12
N THR B 175 -22.29 -23.01 34.80
CA THR B 175 -22.02 -21.74 34.13
C THR B 175 -21.81 -22.01 32.65
N PHE B 176 -22.75 -21.56 31.83
CA PHE B 176 -22.74 -21.89 30.42
C PHE B 176 -21.63 -21.14 29.68
N PRO B 177 -21.12 -21.71 28.59
CA PRO B 177 -20.19 -20.96 27.73
C PRO B 177 -20.86 -19.71 27.19
N ALA B 178 -20.02 -18.72 26.88
CA ALA B 178 -20.53 -17.44 26.39
C ALA B 178 -20.87 -17.52 24.91
N VAL B 179 -21.84 -16.70 24.50
CA VAL B 179 -22.24 -16.60 23.11
C VAL B 179 -22.07 -15.16 22.67
N LEU B 180 -21.73 -14.98 21.39
CA LEU B 180 -21.58 -13.66 20.80
C LEU B 180 -22.90 -13.25 20.18
N GLN B 181 -23.53 -12.23 20.76
CA GLN B 181 -24.83 -11.77 20.30
C GLN B 181 -24.67 -10.97 19.00
N SER B 182 -25.82 -10.61 18.42
CA SER B 182 -25.81 -9.82 17.19
C SER B 182 -25.20 -8.44 17.41
N SER B 183 -25.23 -7.94 18.65
CA SER B 183 -24.68 -6.62 18.94
C SER B 183 -23.16 -6.61 19.00
N GLY B 184 -22.53 -7.76 18.85
CA GLY B 184 -21.10 -7.86 19.07
C GLY B 184 -20.70 -7.93 20.53
N LEU B 185 -21.66 -8.05 21.45
CA LEU B 185 -21.38 -8.14 22.88
C LEU B 185 -21.68 -9.55 23.36
N TYR B 186 -20.88 -10.03 24.31
CA TYR B 186 -21.05 -11.37 24.81
C TYR B 186 -22.14 -11.43 25.88
N SER B 187 -22.63 -12.64 26.13
CA SER B 187 -23.60 -12.88 27.17
C SER B 187 -23.57 -14.36 27.55
N LEU B 188 -23.65 -14.63 28.84
CA LEU B 188 -23.73 -15.99 29.35
C LEU B 188 -24.66 -16.02 30.54
N SER B 189 -25.03 -17.23 30.95
CA SER B 189 -25.90 -17.45 32.09
C SER B 189 -25.31 -18.52 32.99
N SER B 190 -25.39 -18.30 34.29
CA SER B 190 -25.03 -19.29 35.30
C SER B 190 -26.30 -19.69 36.03
N VAL B 191 -26.51 -20.99 36.20
CA VAL B 191 -27.72 -21.51 36.83
C VAL B 191 -27.33 -22.46 37.95
N VAL B 192 -28.23 -22.61 38.92
CA VAL B 192 -28.07 -23.51 40.05
C VAL B 192 -29.34 -24.32 40.21
N THR B 193 -29.20 -25.63 40.33
CA THR B 193 -30.33 -26.51 40.65
C THR B 193 -30.49 -26.57 42.15
N VAL B 194 -31.69 -26.24 42.63
CA VAL B 194 -31.90 -25.97 44.05
C VAL B 194 -33.10 -26.76 44.58
N PRO B 195 -33.02 -27.29 45.80
CA PRO B 195 -34.22 -27.86 46.42
C PRO B 195 -35.33 -26.82 46.52
N SER B 196 -36.56 -27.25 46.21
CA SER B 196 -37.68 -26.31 46.11
C SER B 196 -38.01 -25.68 47.45
N SER B 197 -38.04 -26.49 48.52
CA SER B 197 -38.35 -25.97 49.84
C SER B 197 -37.33 -24.93 50.31
N SER B 198 -36.14 -24.91 49.71
CA SER B 198 -35.10 -24.00 50.15
C SER B 198 -35.24 -22.60 49.55
N LEU B 199 -36.17 -22.40 48.61
CA LEU B 199 -36.27 -21.12 47.91
C LEU B 199 -36.53 -19.97 48.85
N GLY B 200 -37.56 -20.10 49.70
CA GLY B 200 -37.85 -19.06 50.67
C GLY B 200 -36.94 -19.04 51.88
N THR B 201 -36.09 -20.06 52.04
CA THR B 201 -35.26 -20.19 53.22
C THR B 201 -33.77 -20.19 52.96
N GLN B 202 -33.33 -20.11 51.70
CA GLN B 202 -31.91 -20.08 51.39
C GLN B 202 -31.59 -18.87 50.54
N THR B 203 -30.36 -18.37 50.71
CA THR B 203 -29.90 -17.17 50.03
C THR B 203 -28.99 -17.56 48.87
N TYR B 204 -29.24 -16.97 47.71
CA TYR B 204 -28.49 -17.26 46.50
C TYR B 204 -28.07 -15.95 45.84
N ILE B 205 -26.78 -15.66 45.86
CA ILE B 205 -26.21 -14.44 45.32
C ILE B 205 -25.15 -14.81 44.29
N CYS B 206 -25.27 -14.28 43.08
CA CYS B 206 -24.30 -14.51 42.02
C CYS B 206 -23.29 -13.37 42.01
N ASN B 207 -22.01 -13.71 42.01
CA ASN B 207 -20.92 -12.74 42.06
C ASN B 207 -20.23 -12.74 40.70
N VAL B 208 -20.48 -11.72 39.90
CA VAL B 208 -19.94 -11.63 38.55
C VAL B 208 -18.79 -10.62 38.56
N ASN B 209 -17.64 -11.05 38.07
CA ASN B 209 -16.46 -10.19 37.97
C ASN B 209 -15.98 -10.15 36.53
N HIS B 210 -15.76 -8.94 36.02
CA HIS B 210 -15.23 -8.71 34.68
C HIS B 210 -13.94 -7.90 34.84
N LYS B 211 -12.82 -8.61 34.96
CA LYS B 211 -11.55 -7.95 35.22
C LYS B 211 -11.11 -6.97 34.13
N PRO B 212 -11.32 -7.23 32.82
CA PRO B 212 -10.96 -6.22 31.82
C PRO B 212 -11.53 -4.83 32.10
N SER B 213 -12.77 -4.75 32.57
CA SER B 213 -13.36 -3.47 32.94
C SER B 213 -13.33 -3.23 34.45
N ASN B 214 -12.76 -4.16 35.22
CA ASN B 214 -12.62 -4.03 36.67
C ASN B 214 -13.95 -3.72 37.34
N THR B 215 -15.00 -4.37 36.87
CA THR B 215 -16.34 -4.21 37.41
C THR B 215 -16.77 -5.48 38.11
N LYS B 216 -17.20 -5.34 39.37
CA LYS B 216 -17.65 -6.46 40.18
C LYS B 216 -19.09 -6.18 40.61
N VAL B 217 -20.00 -7.06 40.22
CA VAL B 217 -21.42 -6.87 40.46
C VAL B 217 -21.99 -8.11 41.13
N ASP B 218 -22.67 -7.92 42.25
CA ASP B 218 -23.31 -9.00 42.99
C ASP B 218 -24.82 -8.78 42.99
N LYS B 219 -25.57 -9.86 42.78
CA LYS B 219 -27.02 -9.79 42.64
C LYS B 219 -27.64 -10.95 43.41
N LYS B 220 -28.54 -10.64 44.34
CA LYS B 220 -29.28 -11.67 45.05
C LYS B 220 -30.52 -12.06 44.24
N VAL B 221 -30.65 -13.35 43.96
CA VAL B 221 -31.74 -13.86 43.14
C VAL B 221 -32.91 -14.18 44.08
N GLU B 222 -34.00 -13.44 43.92
CA GLU B 222 -35.16 -13.56 44.79
C GLU B 222 -36.30 -14.27 44.06
N PRO B 223 -36.96 -15.23 44.71
CA PRO B 223 -38.15 -15.83 44.09
C PRO B 223 -39.28 -14.82 44.02
N LYS B 224 -40.05 -14.88 42.94
CA LYS B 224 -41.16 -13.97 42.72
C LYS B 224 -42.49 -14.63 43.06
N ALA C 1 5.19 13.88 -3.09
CA ALA C 1 4.87 15.16 -3.70
C ALA C 1 3.93 14.99 -4.88
N ILE C 2 4.20 13.99 -5.71
CA ILE C 2 3.34 13.67 -6.85
C ILE C 2 2.09 12.96 -6.33
N ARG C 3 0.93 13.55 -6.57
CA ARG C 3 -0.33 12.97 -6.13
C ARG C 3 -0.93 12.14 -7.27
N MET C 4 -1.38 10.94 -6.94
CA MET C 4 -2.03 10.04 -7.88
C MET C 4 -3.51 9.94 -7.53
N THR C 5 -4.36 10.33 -8.46
CA THR C 5 -5.81 10.26 -8.29
C THR C 5 -6.33 9.10 -9.13
N GLN C 6 -6.93 8.12 -8.46
CA GLN C 6 -7.40 6.91 -9.12
C GLN C 6 -8.92 6.88 -9.08
N SER C 7 -9.53 6.54 -10.22
CA SER C 7 -10.97 6.45 -10.37
C SER C 7 -11.29 5.29 -11.30
N PRO C 8 -12.38 4.55 -11.01
CA PRO C 8 -13.29 4.77 -9.88
C PRO C 8 -12.80 4.13 -8.59
N SER C 9 -13.48 4.44 -7.48
CA SER C 9 -13.11 3.84 -6.21
C SER C 9 -13.59 2.40 -6.11
N SER C 10 -14.70 2.07 -6.77
CA SER C 10 -15.28 0.74 -6.70
C SER C 10 -15.99 0.43 -8.01
N VAL C 11 -15.93 -0.82 -8.43
CA VAL C 11 -16.62 -1.29 -9.63
C VAL C 11 -17.44 -2.51 -9.23
N SER C 12 -18.76 -2.42 -9.40
CA SER C 12 -19.64 -3.56 -9.22
C SER C 12 -19.79 -4.22 -10.59
N ALA C 13 -19.11 -5.35 -10.77
CA ALA C 13 -18.98 -5.98 -12.08
C ALA C 13 -19.36 -7.45 -12.01
N SER C 14 -19.81 -7.97 -13.15
CA SER C 14 -20.02 -9.39 -13.34
C SER C 14 -18.93 -9.95 -14.26
N VAL C 15 -18.87 -11.27 -14.37
CA VAL C 15 -17.84 -11.90 -15.18
C VAL C 15 -18.11 -11.62 -16.66
N GLY C 16 -17.13 -11.01 -17.33
CA GLY C 16 -17.20 -10.81 -18.76
C GLY C 16 -17.35 -9.38 -19.23
N ASP C 17 -17.58 -8.43 -18.32
CA ASP C 17 -17.72 -7.04 -18.73
C ASP C 17 -16.37 -6.33 -18.70
N ARG C 18 -16.19 -5.41 -19.63
CA ARG C 18 -14.96 -4.63 -19.70
C ARG C 18 -14.92 -3.61 -18.57
N VAL C 19 -13.81 -3.58 -17.85
CA VAL C 19 -13.61 -2.66 -16.72
C VAL C 19 -12.43 -1.76 -17.05
N THR C 20 -12.64 -0.45 -16.90
CA THR C 20 -11.62 0.56 -17.18
C THR C 20 -11.32 1.33 -15.90
N ILE C 21 -10.04 1.42 -15.55
CA ILE C 21 -9.58 2.12 -14.36
C ILE C 21 -8.61 3.20 -14.81
N THR C 22 -8.82 4.42 -14.31
CA THR C 22 -8.00 5.57 -14.70
C THR C 22 -7.17 6.05 -13.52
N CYS C 23 -6.00 6.58 -13.84
CA CYS C 23 -5.06 7.11 -12.85
C CYS C 23 -4.48 8.40 -13.40
N ARG C 24 -4.73 9.51 -12.71
CA ARG C 24 -4.26 10.82 -13.12
C ARG C 24 -3.15 11.29 -12.18
N ALA C 25 -2.10 11.85 -12.74
CA ALA C 25 -0.93 12.29 -11.98
C ALA C 25 -0.92 13.82 -11.86
N SER C 26 -0.50 14.30 -10.69
CA SER C 26 -0.46 15.74 -10.45
C SER C 26 0.52 16.43 -11.41
N GLN C 27 1.65 15.79 -11.70
CA GLN C 27 2.58 16.28 -12.70
C GLN C 27 2.93 15.14 -13.64
N GLY C 28 3.62 15.48 -14.73
CA GLY C 28 4.02 14.50 -15.71
C GLY C 28 4.99 13.48 -15.16
N ILE C 29 4.62 12.19 -15.24
CA ILE C 29 5.48 11.10 -14.81
C ILE C 29 5.98 10.28 -15.99
N GLY C 30 5.81 10.78 -17.22
CA GLY C 30 6.26 10.04 -18.37
C GLY C 30 5.45 8.77 -18.56
N ASN C 31 6.15 7.65 -18.76
CA ASN C 31 5.52 6.34 -18.82
C ASN C 31 5.80 5.53 -17.56
N TRP C 32 6.28 6.16 -16.50
CA TRP C 32 6.76 5.45 -15.32
C TRP C 32 5.62 5.28 -14.31
N LEU C 33 4.66 4.44 -14.70
CA LEU C 33 3.52 4.08 -13.88
C LEU C 33 3.38 2.57 -13.85
N ALA C 34 3.14 2.02 -12.66
CA ALA C 34 2.97 0.59 -12.47
C ALA C 34 1.57 0.31 -11.95
N TRP C 35 0.97 -0.77 -12.45
CA TRP C 35 -0.35 -1.23 -12.00
C TRP C 35 -0.17 -2.49 -11.16
N TYR C 36 -0.84 -2.53 -10.01
CA TYR C 36 -0.74 -3.65 -9.09
C TYR C 36 -2.11 -4.28 -8.87
N GLN C 37 -2.10 -5.54 -8.46
CA GLN C 37 -3.30 -6.27 -8.08
C GLN C 37 -3.08 -6.92 -6.73
N GLN C 38 -3.97 -6.64 -5.79
CA GLN C 38 -3.92 -7.24 -4.45
C GLN C 38 -5.23 -7.97 -4.19
N LYS C 39 -5.17 -9.29 -4.09
CA LYS C 39 -6.30 -10.08 -3.65
C LYS C 39 -6.33 -10.14 -2.13
N PRO C 40 -7.52 -10.38 -1.55
CA PRO C 40 -7.64 -10.33 -0.09
C PRO C 40 -6.65 -11.24 0.62
N GLY C 41 -6.05 -10.71 1.68
CA GLY C 41 -5.06 -11.46 2.44
C GLY C 41 -3.65 -11.47 1.87
N ARG C 42 -3.52 -11.72 0.57
CA ARG C 42 -2.21 -11.83 -0.05
C ARG C 42 -1.60 -10.44 -0.28
N ALA C 43 -0.33 -10.44 -0.66
CA ALA C 43 0.40 -9.20 -0.90
C ALA C 43 0.11 -8.65 -2.29
N PRO C 44 0.40 -7.37 -2.52
CA PRO C 44 0.21 -6.82 -3.87
C PRO C 44 1.08 -7.53 -4.89
N LYS C 45 0.55 -7.64 -6.11
CA LYS C 45 1.25 -8.29 -7.22
C LYS C 45 1.39 -7.30 -8.36
N LEU C 46 2.62 -7.15 -8.87
CA LEU C 46 2.85 -6.29 -10.00
C LEU C 46 2.31 -6.93 -11.27
N LEU C 47 1.45 -6.19 -11.98
CA LEU C 47 0.88 -6.66 -13.24
C LEU C 47 1.48 -5.99 -14.46
N ILE C 48 1.65 -4.67 -14.42
CA ILE C 48 2.11 -3.90 -15.57
C ILE C 48 3.13 -2.87 -15.09
N SER C 49 4.24 -2.76 -15.82
CA SER C 49 5.23 -1.72 -15.61
C SER C 49 5.36 -0.90 -16.89
N THR C 50 5.98 0.27 -16.75
CA THR C 50 6.17 1.20 -17.87
C THR C 50 4.85 1.49 -18.58
N ALA C 51 3.79 1.64 -17.78
CA ALA C 51 2.44 1.97 -18.25
C ALA C 51 1.81 0.87 -19.11
N SER C 52 2.56 0.29 -20.04
CA SER C 52 2.00 -0.66 -21.00
C SER C 52 2.64 -2.05 -20.96
N SER C 53 3.85 -2.19 -20.42
CA SER C 53 4.56 -3.47 -20.45
C SER C 53 3.98 -4.40 -19.40
N LEU C 54 3.53 -5.57 -19.83
CA LEU C 54 2.98 -6.57 -18.92
C LEU C 54 4.10 -7.49 -18.42
N GLN C 55 3.97 -7.91 -17.17
CA GLN C 55 4.86 -8.91 -16.60
C GLN C 55 4.52 -10.29 -17.12
N SER C 56 5.43 -11.23 -16.93
CA SER C 56 5.19 -12.61 -17.33
C SER C 56 4.16 -13.26 -16.42
N GLY C 57 3.40 -14.19 -16.99
CA GLY C 57 2.32 -14.82 -16.25
C GLY C 57 1.08 -13.96 -16.08
N VAL C 58 1.03 -12.79 -16.71
CA VAL C 58 -0.13 -11.91 -16.64
C VAL C 58 -0.98 -12.14 -17.89
N PRO C 59 -2.26 -12.45 -17.76
CA PRO C 59 -3.09 -12.71 -18.95
C PRO C 59 -3.17 -11.49 -19.86
N SER C 60 -3.39 -11.76 -21.15
CA SER C 60 -3.43 -10.69 -22.15
C SER C 60 -4.63 -9.76 -21.97
N ARG C 61 -5.66 -10.19 -21.24
CA ARG C 61 -6.84 -9.34 -21.07
C ARG C 61 -6.50 -8.06 -20.32
N PHE C 62 -5.46 -8.09 -19.49
CA PHE C 62 -4.99 -6.88 -18.83
C PHE C 62 -4.21 -6.03 -19.82
N SER C 63 -4.59 -4.76 -19.96
CA SER C 63 -3.93 -3.84 -20.86
C SER C 63 -3.74 -2.50 -20.18
N GLY C 64 -2.61 -1.86 -20.42
CA GLY C 64 -2.29 -0.58 -19.83
C GLY C 64 -1.97 0.45 -20.89
N GLY C 65 -2.46 1.67 -20.70
CA GLY C 65 -2.22 2.74 -21.64
C GLY C 65 -2.06 4.06 -20.94
N GLY C 66 -1.53 5.04 -21.68
CA GLY C 66 -1.39 6.39 -21.16
C GLY C 66 0.04 6.87 -21.07
N SER C 67 0.20 8.19 -20.98
CA SER C 67 1.52 8.80 -20.82
C SER C 67 1.30 10.21 -20.26
N GLY C 68 2.37 10.75 -19.68
CA GLY C 68 2.29 12.07 -19.07
C GLY C 68 1.52 12.08 -17.77
N ARG C 69 0.29 12.60 -17.81
CA ARG C 69 -0.53 12.73 -16.61
C ARG C 69 -1.79 11.85 -16.63
N GLY C 70 -2.13 11.24 -17.77
CA GLY C 70 -3.31 10.40 -17.85
C GLY C 70 -2.98 8.95 -18.17
N PHE C 71 -3.53 8.02 -17.39
CA PHE C 71 -3.25 6.60 -17.54
C PHE C 71 -4.52 5.80 -17.34
N THR C 72 -4.57 4.62 -17.97
CA THR C 72 -5.74 3.76 -17.91
C THR C 72 -5.32 2.29 -17.83
N LEU C 73 -6.10 1.51 -17.11
CA LEU C 73 -5.96 0.07 -17.04
C LEU C 73 -7.28 -0.56 -17.45
N THR C 74 -7.27 -1.33 -18.54
CA THR C 74 -8.47 -1.94 -19.10
C THR C 74 -8.35 -3.46 -19.02
N ILE C 75 -9.34 -4.09 -18.42
CA ILE C 75 -9.49 -5.54 -18.43
C ILE C 75 -10.63 -5.85 -19.38
N SER C 76 -10.30 -6.39 -20.55
CA SER C 76 -11.28 -6.52 -21.62
C SER C 76 -12.40 -7.48 -21.25
N SER C 77 -12.05 -8.64 -20.68
CA SER C 77 -13.01 -9.66 -20.27
C SER C 77 -12.69 -10.08 -18.85
N LEU C 78 -13.53 -9.68 -17.90
CA LEU C 78 -13.29 -10.01 -16.50
C LEU C 78 -13.53 -11.50 -16.24
N GLN C 79 -12.76 -12.06 -15.32
CA GLN C 79 -12.93 -13.42 -14.85
C GLN C 79 -13.02 -13.42 -13.33
N LEU C 80 -13.43 -14.57 -12.78
CA LEU C 80 -13.60 -14.68 -11.33
C LEU C 80 -12.29 -14.45 -10.59
N GLU C 81 -11.16 -14.84 -11.21
CA GLU C 81 -9.86 -14.61 -10.58
C GLU C 81 -9.41 -13.16 -10.65
N ASP C 82 -10.14 -12.31 -11.37
CA ASP C 82 -9.76 -10.91 -11.56
C ASP C 82 -10.48 -9.97 -10.61
N PHE C 83 -11.27 -10.50 -9.68
CA PHE C 83 -11.98 -9.67 -8.70
C PHE C 83 -11.03 -9.36 -7.55
N ALA C 84 -10.52 -8.13 -7.52
CA ALA C 84 -9.58 -7.71 -6.48
C ALA C 84 -9.51 -6.18 -6.48
N THR C 85 -8.62 -5.65 -5.65
CA THR C 85 -8.37 -4.21 -5.59
C THR C 85 -7.13 -3.89 -6.40
N TYR C 86 -7.20 -2.84 -7.21
CA TYR C 86 -6.13 -2.48 -8.12
C TYR C 86 -5.57 -1.11 -7.76
N TYR C 87 -4.25 -0.97 -7.83
CA TYR C 87 -3.56 0.25 -7.46
C TYR C 87 -2.65 0.69 -8.59
N CYS C 88 -2.51 2.00 -8.75
CA CYS C 88 -1.49 2.59 -9.61
C CYS C 88 -0.43 3.26 -8.76
N GLN C 89 0.82 3.12 -9.17
CA GLN C 89 1.95 3.70 -8.46
C GLN C 89 2.87 4.39 -9.45
N GLN C 90 3.32 5.60 -9.10
CA GLN C 90 4.30 6.31 -9.89
C GLN C 90 5.70 5.98 -9.41
N SER C 91 6.63 5.90 -10.36
CA SER C 91 8.04 5.60 -10.08
C SER C 91 8.96 6.69 -10.60
N TYR C 92 8.46 7.92 -10.76
CA TYR C 92 9.24 8.96 -11.40
C TYR C 92 10.16 9.67 -10.40
N ILE C 93 9.62 10.02 -9.24
CA ILE C 93 10.30 10.86 -8.26
C ILE C 93 10.15 10.23 -6.88
N THR C 94 11.22 10.34 -6.07
CA THR C 94 11.43 9.55 -4.85
C THR C 94 10.19 9.34 -3.98
N PRO C 95 9.38 10.36 -3.63
CA PRO C 95 8.18 10.04 -2.84
C PRO C 95 7.20 9.22 -3.66
N TRP C 96 7.54 7.95 -3.88
CA TRP C 96 6.71 7.07 -4.69
C TRP C 96 5.32 6.94 -4.08
N THR C 97 4.32 7.35 -4.83
CA THR C 97 2.95 7.44 -4.35
C THR C 97 2.06 6.47 -5.11
N PHE C 98 1.20 5.78 -4.36
CA PHE C 98 0.20 4.88 -4.90
C PHE C 98 -1.13 5.59 -5.02
N GLY C 99 -2.00 5.05 -5.87
CA GLY C 99 -3.36 5.53 -5.95
C GLY C 99 -4.20 5.03 -4.80
N GLN C 100 -5.38 5.63 -4.63
CA GLN C 100 -6.28 5.20 -3.56
C GLN C 100 -6.80 3.79 -3.76
N GLY C 101 -6.77 3.29 -4.99
CA GLY C 101 -7.21 1.93 -5.24
C GLY C 101 -8.58 1.86 -5.87
N THR C 102 -8.78 0.87 -6.72
CA THR C 102 -10.07 0.58 -7.34
C THR C 102 -10.48 -0.83 -6.93
N LYS C 103 -11.58 -0.93 -6.19
CA LYS C 103 -12.08 -2.22 -5.71
C LYS C 103 -13.05 -2.78 -6.74
N VAL C 104 -12.59 -3.76 -7.50
CA VAL C 104 -13.43 -4.46 -8.46
C VAL C 104 -14.15 -5.57 -7.70
N GLU C 105 -15.45 -5.39 -7.47
CA GLU C 105 -16.24 -6.29 -6.66
C GLU C 105 -17.27 -7.01 -7.51
N ILE C 106 -17.65 -8.21 -7.06
CA ILE C 106 -18.67 -8.98 -7.74
C ILE C 106 -20.04 -8.37 -7.48
N LYS C 107 -20.80 -8.18 -8.55
CA LYS C 107 -22.10 -7.51 -8.45
C LYS C 107 -23.07 -8.35 -7.63
N VAL C 108 -23.77 -7.69 -6.70
CA VAL C 108 -24.79 -8.36 -5.91
C VAL C 108 -25.98 -8.68 -6.80
N ALA C 109 -26.33 -9.95 -6.90
CA ALA C 109 -27.41 -10.42 -7.76
C ALA C 109 -28.53 -10.96 -6.89
N ALA C 110 -29.72 -10.39 -7.04
CA ALA C 110 -30.88 -10.90 -6.32
C ALA C 110 -31.29 -12.26 -6.90
N PRO C 111 -31.76 -13.19 -6.07
CA PRO C 111 -32.17 -14.49 -6.59
C PRO C 111 -33.52 -14.42 -7.28
N SER C 112 -33.63 -15.12 -8.40
CA SER C 112 -34.91 -15.39 -9.03
C SER C 112 -35.52 -16.61 -8.38
N VAL C 113 -36.71 -16.44 -7.81
CA VAL C 113 -37.34 -17.48 -7.00
C VAL C 113 -38.43 -18.17 -7.80
N PHE C 114 -38.50 -19.49 -7.68
CA PHE C 114 -39.53 -20.29 -8.31
C PHE C 114 -39.99 -21.35 -7.32
N ILE C 115 -41.30 -21.54 -7.23
CA ILE C 115 -41.90 -22.58 -6.39
C ILE C 115 -42.51 -23.63 -7.30
N PHE C 116 -42.30 -24.90 -6.96
CA PHE C 116 -42.75 -26.02 -7.78
C PHE C 116 -43.71 -26.90 -6.98
N PRO C 117 -44.97 -27.00 -7.39
CA PRO C 117 -45.92 -27.86 -6.66
C PRO C 117 -45.59 -29.33 -6.88
N PRO C 118 -46.05 -30.21 -5.98
CA PRO C 118 -45.79 -31.64 -6.18
C PRO C 118 -46.50 -32.18 -7.41
N SER C 119 -45.90 -33.19 -8.03
CA SER C 119 -46.48 -33.78 -9.22
C SER C 119 -47.59 -34.76 -8.86
N ASP C 120 -48.55 -34.91 -9.77
CA ASP C 120 -49.62 -35.88 -9.55
C ASP C 120 -49.08 -37.30 -9.51
N GLU C 121 -48.05 -37.60 -10.31
CA GLU C 121 -47.47 -38.93 -10.29
C GLU C 121 -46.81 -39.22 -8.94
N GLN C 122 -46.07 -38.25 -8.40
CA GLN C 122 -45.45 -38.40 -7.09
C GLN C 122 -46.50 -38.52 -5.99
N LEU C 123 -47.63 -37.83 -6.14
CA LEU C 123 -48.68 -37.90 -5.12
C LEU C 123 -49.29 -39.31 -5.03
N LYS C 124 -49.26 -40.06 -6.13
CA LYS C 124 -49.77 -41.43 -6.09
C LYS C 124 -48.92 -42.32 -5.20
N SER C 125 -47.64 -41.98 -5.03
CA SER C 125 -46.76 -42.77 -4.18
C SER C 125 -47.02 -42.56 -2.70
N GLY C 126 -47.70 -41.48 -2.33
CA GLY C 126 -48.01 -41.19 -0.95
C GLY C 126 -47.14 -40.12 -0.32
N THR C 127 -46.10 -39.68 -1.00
CA THR C 127 -45.22 -38.62 -0.52
C THR C 127 -45.31 -37.44 -1.46
N ALA C 128 -45.11 -36.23 -0.91
CA ALA C 128 -45.20 -35.00 -1.68
C ALA C 128 -43.96 -34.16 -1.42
N SER C 129 -43.32 -33.71 -2.49
CA SER C 129 -42.11 -32.91 -2.41
C SER C 129 -42.36 -31.54 -3.02
N VAL C 130 -42.28 -30.50 -2.20
CA VAL C 130 -42.42 -29.12 -2.66
C VAL C 130 -41.03 -28.52 -2.77
N VAL C 131 -40.70 -27.96 -3.93
CA VAL C 131 -39.36 -27.49 -4.24
C VAL C 131 -39.40 -25.98 -4.44
N CYS C 132 -38.45 -25.28 -3.82
CA CYS C 132 -38.26 -23.84 -4.00
C CYS C 132 -36.88 -23.61 -4.59
N LEU C 133 -36.82 -22.91 -5.71
CA LEU C 133 -35.59 -22.72 -6.47
C LEU C 133 -35.14 -21.26 -6.39
N LEU C 134 -33.94 -21.05 -5.87
CA LEU C 134 -33.27 -19.75 -5.93
C LEU C 134 -32.14 -19.87 -6.95
N ASN C 135 -32.18 -19.03 -7.99
CA ASN C 135 -31.28 -19.18 -9.12
C ASN C 135 -30.49 -17.89 -9.33
N ASN C 136 -29.18 -18.04 -9.50
CA ASN C 136 -28.27 -16.97 -9.90
C ASN C 136 -28.34 -15.80 -8.92
N PHE C 137 -27.77 -16.04 -7.73
CA PHE C 137 -27.72 -15.02 -6.69
C PHE C 137 -26.33 -14.94 -6.10
N TYR C 138 -25.94 -13.71 -5.71
CA TYR C 138 -24.73 -13.43 -4.96
C TYR C 138 -25.06 -12.28 -4.03
N PRO C 139 -24.61 -12.33 -2.76
CA PRO C 139 -23.77 -13.35 -2.12
C PRO C 139 -24.47 -14.67 -1.86
N ARG C 140 -23.74 -15.63 -1.31
CA ARG C 140 -24.25 -16.99 -1.12
C ARG C 140 -25.09 -17.16 0.12
N GLU C 141 -25.28 -16.09 0.91
CA GLU C 141 -26.08 -16.18 2.13
C GLU C 141 -27.52 -15.79 1.82
N ALA C 142 -28.45 -16.70 2.14
CA ALA C 142 -29.87 -16.47 1.90
C ALA C 142 -30.68 -17.27 2.91
N LYS C 143 -31.87 -16.73 3.23
CA LYS C 143 -32.80 -17.36 4.15
C LYS C 143 -34.03 -17.82 3.38
N VAL C 144 -34.26 -19.13 3.33
CA VAL C 144 -35.42 -19.72 2.68
C VAL C 144 -36.31 -20.30 3.75
N GLN C 145 -37.51 -19.75 3.91
CA GLN C 145 -38.47 -20.20 4.91
C GLN C 145 -39.69 -20.80 4.23
N TRP C 146 -40.09 -21.98 4.70
CA TRP C 146 -41.30 -22.65 4.22
C TRP C 146 -42.45 -22.33 5.14
N LYS C 147 -43.51 -21.76 4.59
CA LYS C 147 -44.70 -21.38 5.36
C LYS C 147 -45.92 -22.04 4.73
N VAL C 148 -46.36 -23.14 5.32
CA VAL C 148 -47.60 -23.80 4.93
C VAL C 148 -48.74 -23.08 5.63
N ASP C 149 -49.72 -22.61 4.85
CA ASP C 149 -50.71 -21.63 5.31
C ASP C 149 -49.92 -20.42 5.77
N ASN C 150 -50.03 -19.99 7.03
CA ASN C 150 -49.15 -18.96 7.56
C ASN C 150 -48.32 -19.47 8.74
N ALA C 151 -48.14 -20.77 8.83
CA ALA C 151 -47.36 -21.39 9.91
C ALA C 151 -46.01 -21.82 9.37
N LEU C 152 -44.95 -21.46 10.10
CA LEU C 152 -43.60 -21.86 9.71
C LEU C 152 -43.32 -23.29 10.12
N GLN C 153 -42.62 -24.02 9.25
CA GLN C 153 -42.19 -25.39 9.50
C GLN C 153 -40.68 -25.44 9.69
N SER C 154 -40.21 -26.53 10.30
CA SER C 154 -38.81 -26.61 10.70
C SER C 154 -38.14 -27.88 10.19
N GLY C 155 -38.54 -29.04 10.72
CA GLY C 155 -37.82 -30.28 10.45
C GLY C 155 -38.16 -31.01 9.17
N ASN C 156 -38.79 -30.36 8.21
CA ASN C 156 -39.23 -31.02 6.98
C ASN C 156 -38.60 -30.40 5.74
N SER C 157 -37.37 -29.90 5.85
CA SER C 157 -36.73 -29.23 4.74
C SER C 157 -35.25 -29.58 4.68
N GLN C 158 -34.75 -29.75 3.45
CA GLN C 158 -33.34 -29.92 3.17
C GLN C 158 -32.96 -28.97 2.04
N GLU C 159 -31.68 -28.60 1.99
CA GLU C 159 -31.21 -27.60 1.04
C GLU C 159 -29.99 -28.11 0.30
N SER C 160 -29.78 -27.55 -0.89
CA SER C 160 -28.62 -27.85 -1.72
C SER C 160 -28.25 -26.62 -2.52
N VAL C 161 -26.97 -26.28 -2.53
CA VAL C 161 -26.46 -25.08 -3.20
C VAL C 161 -25.41 -25.51 -4.21
N THR C 162 -25.44 -24.88 -5.39
CA THR C 162 -24.47 -25.17 -6.43
C THR C 162 -23.12 -24.54 -6.09
N GLU C 163 -22.08 -25.07 -6.73
CA GLU C 163 -20.79 -24.40 -6.68
C GLU C 163 -20.83 -23.12 -7.52
N GLN C 164 -19.94 -22.20 -7.19
CA GLN C 164 -19.91 -20.92 -7.88
C GLN C 164 -19.61 -21.10 -9.36
N ASP C 165 -20.43 -20.48 -10.20
CA ASP C 165 -20.28 -20.60 -11.64
C ASP C 165 -19.30 -19.55 -12.15
N SER C 166 -18.46 -19.95 -13.10
CA SER C 166 -17.42 -19.05 -13.61
C SER C 166 -17.99 -17.98 -14.52
N LYS C 167 -18.98 -18.34 -15.35
CA LYS C 167 -19.54 -17.38 -16.29
C LYS C 167 -20.28 -16.27 -15.57
N ASP C 168 -20.91 -16.60 -14.45
CA ASP C 168 -21.54 -15.62 -13.58
C ASP C 168 -21.36 -16.11 -12.14
N SER C 169 -20.54 -15.40 -11.37
CA SER C 169 -20.24 -15.80 -10.00
C SER C 169 -21.50 -15.81 -9.15
N THR C 170 -22.41 -16.72 -9.48
CA THR C 170 -23.74 -16.77 -8.90
C THR C 170 -24.00 -18.17 -8.37
N TYR C 171 -24.44 -18.24 -7.13
CA TYR C 171 -24.86 -19.49 -6.51
C TYR C 171 -26.34 -19.74 -6.83
N SER C 172 -26.73 -21.00 -6.77
CA SER C 172 -28.13 -21.40 -6.91
C SER C 172 -28.48 -22.35 -5.78
N LEU C 173 -29.69 -22.21 -5.25
CA LEU C 173 -30.11 -22.95 -4.07
C LEU C 173 -31.45 -23.61 -4.32
N SER C 174 -31.61 -24.83 -3.81
CA SER C 174 -32.85 -25.57 -3.88
C SER C 174 -33.25 -26.01 -2.48
N SER C 175 -34.46 -25.65 -2.07
CA SER C 175 -35.02 -26.08 -0.80
C SER C 175 -36.20 -27.01 -1.08
N THR C 176 -36.15 -28.21 -0.51
CA THR C 176 -37.13 -29.26 -0.79
C THR C 176 -37.91 -29.55 0.48
N LEU C 177 -39.23 -29.34 0.43
CA LEU C 177 -40.13 -29.63 1.54
C LEU C 177 -40.83 -30.94 1.27
N THR C 178 -40.60 -31.94 2.12
CA THR C 178 -41.16 -33.27 1.96
C THR C 178 -42.23 -33.50 3.02
N LEU C 179 -43.46 -33.74 2.58
CA LEU C 179 -44.57 -34.00 3.46
C LEU C 179 -45.35 -35.22 2.96
N SER C 180 -46.16 -35.79 3.85
CA SER C 180 -47.02 -36.89 3.46
C SER C 180 -48.18 -36.39 2.62
N LYS C 181 -48.78 -37.32 1.86
CA LYS C 181 -49.91 -36.97 1.03
C LYS C 181 -51.09 -36.50 1.88
N ALA C 182 -51.35 -37.18 2.99
CA ALA C 182 -52.42 -36.74 3.88
C ALA C 182 -52.10 -35.39 4.50
N ASP C 183 -50.85 -35.20 4.95
CA ASP C 183 -50.44 -33.90 5.44
C ASP C 183 -50.54 -32.84 4.35
N TYR C 184 -50.16 -33.21 3.12
CA TYR C 184 -50.26 -32.26 2.00
C TYR C 184 -51.70 -31.89 1.71
N GLU C 185 -52.63 -32.83 1.93
CA GLU C 185 -54.03 -32.56 1.65
C GLU C 185 -54.71 -31.75 2.75
N LYS C 186 -54.15 -31.77 3.97
CA LYS C 186 -54.80 -31.09 5.08
C LYS C 186 -54.75 -29.58 4.92
N HIS C 187 -53.65 -29.06 4.37
CA HIS C 187 -53.42 -27.63 4.25
C HIS C 187 -53.49 -27.22 2.78
N LYS C 188 -53.82 -25.95 2.56
CA LYS C 188 -54.15 -25.47 1.22
C LYS C 188 -53.08 -24.59 0.61
N VAL C 189 -52.53 -23.63 1.35
CA VAL C 189 -51.60 -22.65 0.81
C VAL C 189 -50.19 -23.05 1.20
N TYR C 190 -49.31 -23.17 0.21
CA TYR C 190 -47.91 -23.52 0.40
C TYR C 190 -47.04 -22.40 -0.15
N ALA C 191 -46.19 -21.83 0.70
CA ALA C 191 -45.43 -20.64 0.37
C ALA C 191 -43.96 -20.83 0.70
N CYS C 192 -43.11 -20.21 -0.11
CA CYS C 192 -41.67 -20.16 0.11
C CYS C 192 -41.25 -18.70 0.21
N GLU C 193 -40.72 -18.31 1.37
CA GLU C 193 -40.31 -16.93 1.61
C GLU C 193 -38.79 -16.84 1.60
N VAL C 194 -38.26 -15.91 0.81
CA VAL C 194 -36.82 -15.78 0.59
C VAL C 194 -36.41 -14.37 0.99
N THR C 195 -35.34 -14.28 1.79
CA THR C 195 -34.75 -13.00 2.17
C THR C 195 -33.29 -13.00 1.74
N HIS C 196 -32.90 -12.02 0.94
CA HIS C 196 -31.55 -11.92 0.42
C HIS C 196 -31.15 -10.46 0.35
N GLN C 197 -29.83 -10.21 0.44
CA GLN C 197 -29.32 -8.85 0.41
C GLN C 197 -29.71 -8.12 -0.86
N GLY C 198 -29.69 -8.83 -1.99
CA GLY C 198 -30.05 -8.19 -3.25
C GLY C 198 -31.52 -7.89 -3.37
N LEU C 199 -32.37 -8.67 -2.69
CA LEU C 199 -33.80 -8.44 -2.70
C LEU C 199 -34.16 -7.30 -1.75
N SER C 200 -34.87 -6.30 -2.28
CA SER C 200 -35.24 -5.14 -1.46
C SER C 200 -36.09 -5.56 -0.27
N SER C 201 -37.10 -6.39 -0.50
CA SER C 201 -37.96 -6.92 0.54
C SER C 201 -38.03 -8.44 0.42
N PRO C 202 -38.29 -9.15 1.51
CA PRO C 202 -38.43 -10.61 1.43
C PRO C 202 -39.52 -11.01 0.45
N VAL C 203 -39.15 -11.87 -0.49
CA VAL C 203 -40.03 -12.28 -1.58
C VAL C 203 -40.73 -13.58 -1.21
N THR C 204 -42.03 -13.63 -1.49
CA THR C 204 -42.85 -14.80 -1.20
C THR C 204 -43.40 -15.37 -2.50
N LYS C 205 -43.15 -16.65 -2.74
CA LYS C 205 -43.73 -17.39 -3.86
C LYS C 205 -44.61 -18.49 -3.28
N SER C 206 -45.88 -18.51 -3.69
CA SER C 206 -46.84 -19.41 -3.06
C SER C 206 -47.76 -20.00 -4.11
N PHE C 207 -48.40 -21.11 -3.73
CA PHE C 207 -49.45 -21.72 -4.54
C PHE C 207 -50.49 -22.34 -3.61
N ASN C 208 -51.72 -22.42 -4.10
CA ASN C 208 -52.80 -23.11 -3.41
C ASN C 208 -53.20 -24.34 -4.22
N ARG C 209 -53.41 -25.45 -3.52
CA ARG C 209 -53.77 -26.69 -4.19
C ARG C 209 -55.09 -26.54 -4.95
N GLY C 210 -55.04 -26.80 -6.25
CA GLY C 210 -56.22 -26.66 -7.10
C GLY C 210 -55.90 -26.05 -8.45
#